data_7P2P
#
_entry.id   7P2P
#
_cell.length_a   1.00
_cell.length_b   1.00
_cell.length_c   1.00
_cell.angle_alpha   90.00
_cell.angle_beta   90.00
_cell.angle_gamma   90.00
#
_symmetry.space_group_name_H-M   'P 1'
#
loop_
_entity.id
_entity.type
_entity.pdbx_description
1 polymer 'Signal peptidase complex catalytic subunit SEC11A'
2 polymer 'Signal peptidase complex subunit 3'
3 polymer 'Signal peptidase complex subunit 2'
4 polymer 'Signal peptidase complex subunit 1'
5 branched alpha-D-mannopyranose-(1-3)-[alpha-D-mannopyranose-(1-6)]beta-D-mannopyranose-(1-4)-2-acetamido-2-deoxy-beta-D-glucopyranose-(1-4)-2-acetamido-2-deoxy-beta-D-glucopyranose
#
loop_
_entity_poly.entity_id
_entity_poly.type
_entity_poly.pdbx_seq_one_letter_code
_entity_poly.pdbx_strand_id
1 'polypeptide(L)'
;PMLSLDFLDDVRRMNKRQLYYQVLNFGMIVSSALMIWKGLMVITGSESPIVVVLSGSMEPAFHRGDLLFLTNRVEDPIRV
GEIVVFRIEGREIPIVHRVLKIHEKQNGHIKFLTKGDNNAVDDRGLYKQGQHWLEKKDVVGRARGFVPYIGIVTILMNDY
PKFKYAVLFLLGLFVLVHREGGSPGGSGGGSAENLYFQ
;
A
2 'polypeptide(L)'
;PMNTVLSRANSLFAFSLSVMAALTFGCFITTAFKDRSVPVRLHVSRIMLKNVEDFTGPRERSDLGFITFDITADLENIFD
WNVKQLFLYLSAEYSTKNNALNQVVLWDKIVLRGDNPKLLLKDMKTKYFFFDDGNGLKGNRNVTLTLSWNVVPNAGILPL
VTGSGHVSVPFPDTYEITKSYGSGEGRGSLLTCGDVEENPG
;
B
3 'polypeptide(L)'
;MAAAAVQGGRSGGSGGCSGAGGASNCGTGSGRSGLLDKWKIDDKPVKIDKWDGSAVKNSLDDSAKKVLLEKYKYVENFGL
IDGRLTICTISCFFAIVALIWDYMHPFPESKPVLALCVISYFVMMGILTIYTSYKEKSIFLVAHRKDPTGMDPDDIWQLS
SSLKRFDDKYTLKLTFISGRTKQQREAEFTKSIAKFFDHSGTLVMDAYEPEISRLHDSLAIERKIKGSGQCTNYALLKLA
GDVESNPG
;
C
4 'polypeptide(L)'
;PMARGGDTGCTGPSETSASGAAAIALPGLEGPATDAQCQTLPLTVLKSRSPSPRSLPPALSCPPPQPAMLEHLSSLPTQM
DYKGQKLAEQMFQGIILFSAIVGFIYGYVAEQFGWTVYIVMAGFAFSCLLTLPPWPIYRRHPLKWLPVQESSTDDKKPGE
RKIKRHAKNNGSGATNFSLLKQAGDVEENPG
;
D
#
# COMPACT_ATOMS: atom_id res chain seq x y z
N MET A 14 -32.84 -10.13 22.02
CA MET A 14 -31.49 -10.63 22.26
C MET A 14 -30.48 -9.50 22.19
N ASN A 15 -29.24 -9.83 21.81
CA ASN A 15 -28.17 -8.85 21.68
C ASN A 15 -28.25 -8.25 20.28
N LYS A 16 -29.00 -7.16 20.15
CA LYS A 16 -29.18 -6.55 18.83
C LYS A 16 -28.03 -5.62 18.47
N ARG A 17 -27.85 -4.55 19.25
CA ARG A 17 -27.03 -3.42 18.82
C ARG A 17 -25.53 -3.70 18.95
N GLN A 18 -25.10 -4.24 20.09
CA GLN A 18 -23.67 -4.46 20.28
C GLN A 18 -23.14 -5.57 19.38
N LEU A 19 -23.93 -6.64 19.20
CA LEU A 19 -23.57 -7.69 18.26
C LEU A 19 -23.64 -7.19 16.82
N TYR A 20 -24.59 -6.28 16.54
CA TYR A 20 -24.72 -5.67 15.22
C TYR A 20 -23.48 -4.88 14.83
N TYR A 21 -23.10 -3.90 15.67
CA TYR A 21 -21.92 -3.09 15.37
C TYR A 21 -20.64 -3.90 15.46
N GLN A 22 -20.60 -4.93 16.32
CA GLN A 22 -19.42 -5.79 16.43
C GLN A 22 -19.19 -6.59 15.16
N VAL A 23 -20.24 -7.26 14.67
CA VAL A 23 -20.07 -8.04 13.44
C VAL A 23 -19.85 -7.10 12.25
N LEU A 24 -20.42 -5.89 12.30
CA LEU A 24 -20.23 -4.91 11.24
C LEU A 24 -18.77 -4.50 11.11
N ASN A 25 -18.21 -3.89 12.17
CA ASN A 25 -16.85 -3.37 12.04
C ASN A 25 -15.81 -4.49 12.01
N PHE A 26 -16.01 -5.57 12.79
CA PHE A 26 -15.06 -6.67 12.80
C PHE A 26 -15.01 -7.39 11.46
N GLY A 27 -16.19 -7.79 10.93
CA GLY A 27 -16.22 -8.47 9.64
C GLY A 27 -15.77 -7.58 8.50
N MET A 28 -16.10 -6.28 8.56
CA MET A 28 -15.67 -5.34 7.54
C MET A 28 -14.15 -5.24 7.50
N ILE A 29 -13.52 -5.03 8.66
CA ILE A 29 -12.06 -4.85 8.70
C ILE A 29 -11.34 -6.13 8.30
N VAL A 30 -11.69 -7.27 8.93
CA VAL A 30 -10.88 -8.47 8.66
C VAL A 30 -11.18 -9.05 7.28
N SER A 31 -12.43 -8.98 6.81
CA SER A 31 -12.75 -9.47 5.48
C SER A 31 -12.13 -8.59 4.40
N SER A 32 -12.20 -7.26 4.58
CA SER A 32 -11.64 -6.34 3.60
C SER A 32 -10.13 -6.48 3.51
N ALA A 33 -9.44 -6.61 4.65
CA ALA A 33 -7.99 -6.76 4.65
C ALA A 33 -7.56 -8.09 4.03
N LEU A 34 -8.19 -9.19 4.45
CA LEU A 34 -7.83 -10.51 3.92
C LEU A 34 -8.16 -10.63 2.43
N MET A 35 -9.22 -10.01 1.94
CA MET A 35 -9.51 -10.20 0.53
C MET A 35 -8.90 -9.13 -0.37
N ILE A 36 -8.41 -8.01 0.17
CA ILE A 36 -7.52 -7.23 -0.69
C ILE A 36 -6.16 -7.92 -0.76
N TRP A 37 -5.76 -8.65 0.28
CA TRP A 37 -4.59 -9.51 0.18
C TRP A 37 -4.80 -10.59 -0.87
N LYS A 38 -5.98 -11.23 -0.86
CA LYS A 38 -6.32 -12.21 -1.91
C LYS A 38 -6.41 -11.58 -3.28
N GLY A 39 -6.85 -10.32 -3.37
CA GLY A 39 -6.90 -9.65 -4.66
C GLY A 39 -5.52 -9.36 -5.21
N LEU A 40 -4.58 -9.01 -4.33
CA LEU A 40 -3.19 -8.89 -4.75
C LEU A 40 -2.63 -10.25 -5.18
N MET A 41 -2.99 -11.32 -4.46
CA MET A 41 -2.59 -12.68 -4.84
C MET A 41 -3.10 -13.04 -6.23
N VAL A 42 -4.33 -12.66 -6.55
CA VAL A 42 -4.89 -12.95 -7.86
C VAL A 42 -4.24 -12.08 -8.93
N ILE A 43 -4.05 -10.79 -8.66
CA ILE A 43 -3.61 -9.86 -9.69
C ILE A 43 -2.11 -9.98 -9.96
N THR A 44 -1.35 -10.65 -9.10
CA THR A 44 0.07 -10.89 -9.39
C THR A 44 0.32 -12.14 -10.24
N GLY A 45 -0.72 -12.73 -10.83
CA GLY A 45 -0.52 -13.86 -11.74
C GLY A 45 -0.42 -15.21 -11.07
N SER A 46 0.73 -15.49 -10.46
CA SER A 46 0.90 -16.65 -9.59
C SER A 46 0.41 -16.29 -8.19
N GLU A 47 0.76 -17.10 -7.19
CA GLU A 47 0.37 -16.77 -5.81
C GLU A 47 0.99 -15.46 -5.34
N SER A 48 2.33 -15.39 -5.20
CA SER A 48 3.14 -14.18 -5.07
C SER A 48 2.70 -13.19 -3.99
N PRO A 49 2.91 -13.48 -2.71
CA PRO A 49 2.63 -12.46 -1.69
C PRO A 49 3.64 -11.33 -1.74
N ILE A 50 3.24 -10.18 -1.22
CA ILE A 50 4.19 -9.08 -1.03
C ILE A 50 5.09 -9.42 0.15
N VAL A 51 6.40 -9.38 -0.08
CA VAL A 51 7.33 -9.96 0.89
C VAL A 51 8.23 -8.89 1.50
N VAL A 52 9.06 -9.29 2.44
CA VAL A 52 10.04 -8.40 3.06
C VAL A 52 11.40 -9.08 3.02
N VAL A 53 12.45 -8.27 2.85
CA VAL A 53 13.79 -8.82 2.69
C VAL A 53 14.40 -9.04 4.07
N LEU A 54 15.24 -10.09 4.19
CA LEU A 54 15.95 -10.38 5.42
C LEU A 54 17.38 -10.85 5.20
N SER A 55 17.90 -10.73 3.98
CA SER A 55 19.22 -11.27 3.65
C SER A 55 20.33 -10.41 4.23
N GLY A 56 21.48 -11.04 4.46
CA GLY A 56 22.63 -10.36 5.02
C GLY A 56 23.80 -10.24 4.06
N SER A 57 23.86 -11.14 3.08
CA SER A 57 24.90 -11.10 2.06
C SER A 57 24.58 -10.13 0.92
N MET A 58 23.43 -9.48 0.97
CA MET A 58 23.02 -8.54 -0.07
C MET A 58 23.11 -7.08 0.38
N GLU A 59 23.61 -6.84 1.59
CA GLU A 59 23.53 -5.51 2.21
C GLU A 59 24.32 -4.41 1.50
N PRO A 60 25.53 -4.62 0.93
CA PRO A 60 26.09 -3.56 0.08
C PRO A 60 25.33 -3.32 -1.21
N ALA A 61 24.49 -4.25 -1.64
CA ALA A 61 23.68 -4.07 -2.84
C ALA A 61 22.22 -3.75 -2.55
N PHE A 62 21.67 -4.28 -1.46
CA PHE A 62 20.26 -4.10 -1.15
C PHE A 62 20.09 -4.20 0.35
N HIS A 63 19.64 -3.11 0.98
CA HIS A 63 19.68 -2.98 2.42
C HIS A 63 18.60 -3.82 3.11
N ARG A 64 18.63 -3.81 4.44
CA ARG A 64 17.77 -4.65 5.26
C ARG A 64 16.44 -3.95 5.52
N GLY A 65 15.36 -4.73 5.51
CA GLY A 65 14.05 -4.22 5.87
C GLY A 65 13.35 -3.48 4.74
N ASP A 66 13.05 -4.17 3.65
CA ASP A 66 12.42 -3.59 2.48
C ASP A 66 11.24 -4.45 2.05
N LEU A 67 10.14 -3.80 1.71
CA LEU A 67 9.01 -4.49 1.08
C LEU A 67 9.29 -4.71 -0.40
N LEU A 68 8.86 -5.86 -0.91
CA LEU A 68 9.05 -6.22 -2.31
C LEU A 68 7.71 -6.67 -2.88
N PHE A 69 7.33 -6.11 -4.03
CA PHE A 69 6.11 -6.57 -4.76
C PHE A 69 6.52 -7.82 -5.57
N LEU A 70 5.76 -8.20 -6.60
CA LEU A 70 6.10 -9.47 -7.31
C LEU A 70 5.37 -9.61 -8.64
N THR A 71 6.09 -9.66 -9.77
CA THR A 71 5.42 -9.96 -11.04
C THR A 71 5.79 -11.37 -11.49
N ASN A 72 5.07 -11.88 -12.48
CA ASN A 72 5.10 -13.30 -12.80
C ASN A 72 5.07 -13.46 -14.33
N ARG A 73 4.70 -14.66 -14.78
CA ARG A 73 4.95 -15.15 -16.13
C ARG A 73 3.83 -14.79 -17.11
N VAL A 74 3.23 -13.63 -16.97
CA VAL A 74 2.19 -13.21 -17.92
C VAL A 74 2.84 -12.75 -19.22
N GLU A 75 3.02 -13.71 -20.14
CA GLU A 75 3.54 -13.52 -21.50
C GLU A 75 4.94 -12.90 -21.51
N ASP A 76 5.83 -13.48 -20.71
CA ASP A 76 7.25 -13.11 -20.72
C ASP A 76 8.15 -14.24 -20.22
N PRO A 77 9.20 -14.59 -20.96
CA PRO A 77 10.17 -15.57 -20.46
C PRO A 77 11.16 -14.92 -19.50
N ILE A 78 12.07 -15.75 -18.98
CA ILE A 78 13.02 -15.33 -17.97
C ILE A 78 14.30 -14.85 -18.66
N ARG A 79 14.98 -13.89 -18.03
CA ARG A 79 16.23 -13.34 -18.56
C ARG A 79 17.33 -13.44 -17.53
N VAL A 80 18.49 -12.85 -17.83
CA VAL A 80 19.63 -12.88 -16.93
C VAL A 80 19.86 -11.48 -16.37
N GLY A 81 20.51 -11.42 -15.21
CA GLY A 81 20.71 -10.15 -14.54
C GLY A 81 19.46 -9.70 -13.81
N GLU A 82 18.95 -10.55 -12.93
CA GLU A 82 17.66 -10.31 -12.29
C GLU A 82 17.59 -11.07 -10.98
N ILE A 83 16.94 -10.47 -9.99
CA ILE A 83 16.66 -11.16 -8.74
C ILE A 83 15.60 -12.22 -8.97
N VAL A 84 15.79 -13.38 -8.33
CA VAL A 84 14.86 -14.51 -8.42
C VAL A 84 14.61 -15.01 -7.00
N VAL A 85 13.35 -15.07 -6.61
CA VAL A 85 12.95 -15.56 -5.30
C VAL A 85 12.38 -16.97 -5.44
N PHE A 86 12.73 -17.85 -4.51
CA PHE A 86 12.34 -19.26 -4.63
C PHE A 86 12.26 -19.88 -3.24
N ARG A 87 11.89 -21.17 -3.23
CA ARG A 87 11.71 -21.92 -1.99
C ARG A 87 13.05 -22.45 -1.49
N ILE A 88 13.23 -22.46 -0.18
CA ILE A 88 14.22 -23.29 0.48
C ILE A 88 13.45 -24.38 1.19
N GLU A 89 13.52 -25.60 0.66
CA GLU A 89 12.73 -26.71 1.16
C GLU A 89 13.32 -27.36 2.41
N GLY A 90 14.61 -27.16 2.67
CA GLY A 90 15.18 -27.65 3.90
C GLY A 90 14.71 -26.87 5.11
N ARG A 91 14.37 -25.60 4.92
CA ARG A 91 13.79 -24.76 5.96
C ARG A 91 12.42 -24.22 5.61
N GLU A 92 11.96 -24.44 4.37
CA GLU A 92 10.68 -23.94 3.83
C GLU A 92 10.57 -22.42 3.96
N ILE A 93 11.58 -21.72 3.44
CA ILE A 93 11.64 -20.26 3.59
C ILE A 93 11.75 -19.62 2.20
N PRO A 94 10.97 -18.58 1.89
CA PRO A 94 11.18 -17.82 0.65
C PRO A 94 12.49 -17.02 0.73
N ILE A 95 13.41 -17.33 -0.17
CA ILE A 95 14.72 -16.68 -0.21
C ILE A 95 14.97 -16.19 -1.63
N VAL A 96 15.42 -14.95 -1.76
CA VAL A 96 15.73 -14.34 -3.06
C VAL A 96 17.24 -14.33 -3.25
N HIS A 97 17.67 -14.51 -4.49
CA HIS A 97 19.07 -14.40 -4.89
C HIS A 97 19.11 -13.70 -6.25
N ARG A 98 20.26 -13.77 -6.90
CA ARG A 98 20.43 -13.24 -8.25
C ARG A 98 20.67 -14.38 -9.23
N VAL A 99 20.22 -14.20 -10.47
CA VAL A 99 20.47 -15.19 -11.51
C VAL A 99 21.82 -14.87 -12.16
N LEU A 100 22.56 -15.91 -12.54
CA LEU A 100 23.88 -15.76 -13.11
C LEU A 100 24.10 -16.55 -14.40
N LYS A 101 23.35 -17.65 -14.57
CA LYS A 101 23.53 -18.52 -15.77
C LYS A 101 22.18 -18.92 -16.34
N ILE A 102 22.07 -19.00 -17.67
CA ILE A 102 20.86 -19.47 -18.33
C ILE A 102 21.24 -20.57 -19.31
N HIS A 103 20.37 -21.58 -19.42
CA HIS A 103 20.61 -22.72 -20.31
C HIS A 103 19.24 -23.28 -20.68
N GLU A 104 18.81 -23.03 -21.91
CA GLU A 104 17.45 -23.32 -22.32
C GLU A 104 17.45 -24.14 -23.61
N LYS A 105 16.28 -24.71 -23.89
CA LYS A 105 16.01 -25.42 -25.14
C LYS A 105 14.54 -25.18 -25.47
N GLN A 106 14.26 -25.00 -26.77
CA GLN A 106 12.92 -24.60 -27.20
C GLN A 106 11.96 -25.78 -27.32
N ASN A 107 11.83 -26.58 -26.26
CA ASN A 107 10.85 -27.64 -26.22
C ASN A 107 10.14 -27.79 -24.87
N GLY A 108 10.52 -27.03 -23.85
CA GLY A 108 9.77 -27.05 -22.61
C GLY A 108 10.48 -27.52 -21.36
N HIS A 109 11.79 -27.32 -21.24
CA HIS A 109 12.49 -27.58 -19.99
C HIS A 109 13.57 -26.52 -19.78
N ILE A 110 13.65 -25.99 -18.57
CA ILE A 110 14.55 -24.89 -18.23
C ILE A 110 15.37 -25.32 -17.01
N LYS A 111 16.67 -25.49 -17.20
CA LYS A 111 17.60 -25.84 -16.13
C LYS A 111 18.81 -24.92 -16.21
N PHE A 112 19.11 -24.23 -15.11
CA PHE A 112 20.18 -23.24 -15.13
C PHE A 112 20.78 -23.11 -13.72
N LEU A 113 21.89 -22.38 -13.65
CA LEU A 113 22.64 -22.16 -12.41
C LEU A 113 22.19 -20.86 -11.76
N THR A 114 22.51 -20.71 -10.48
CA THR A 114 22.25 -19.47 -9.77
C THR A 114 23.31 -19.22 -8.71
N LYS A 115 23.51 -17.94 -8.39
CA LYS A 115 24.54 -17.53 -7.45
C LYS A 115 24.25 -16.10 -7.00
N GLY A 116 24.29 -15.87 -5.69
CA GLY A 116 23.98 -14.57 -5.13
C GLY A 116 25.12 -13.58 -5.29
N ASP A 117 24.89 -12.38 -4.76
CA ASP A 117 25.88 -11.30 -4.81
C ASP A 117 26.77 -11.33 -3.57
N ASN A 118 27.96 -10.70 -3.73
CA ASN A 118 28.96 -10.53 -2.68
C ASN A 118 29.45 -11.87 -2.10
N ASN A 119 29.44 -12.92 -2.92
CA ASN A 119 29.80 -14.25 -2.48
C ASN A 119 30.56 -14.98 -3.58
N ALA A 120 31.46 -15.85 -3.18
CA ALA A 120 32.05 -16.85 -4.07
C ALA A 120 31.37 -18.20 -3.91
N VAL A 121 30.25 -18.26 -3.20
CA VAL A 121 29.55 -19.50 -2.87
C VAL A 121 28.21 -19.50 -3.58
N ASP A 122 27.85 -20.64 -4.17
CA ASP A 122 26.58 -20.78 -4.86
C ASP A 122 25.43 -20.88 -3.86
N ASP A 123 24.21 -21.06 -4.40
CA ASP A 123 23.01 -21.21 -3.58
C ASP A 123 22.82 -22.69 -3.28
N ARG A 124 23.57 -23.17 -2.28
CA ARG A 124 23.59 -24.59 -1.97
C ARG A 124 22.36 -24.99 -1.18
N GLY A 125 22.01 -26.27 -1.27
CA GLY A 125 20.88 -26.84 -0.57
C GLY A 125 19.75 -27.31 -1.47
N LEU A 126 19.73 -26.89 -2.74
CA LEU A 126 18.65 -27.26 -3.64
C LEU A 126 18.88 -28.65 -4.23
N TYR A 127 19.96 -28.80 -5.00
CA TYR A 127 20.26 -30.07 -5.65
C TYR A 127 21.72 -30.46 -5.41
N LYS A 128 22.19 -31.49 -6.12
CA LYS A 128 23.56 -31.94 -6.01
C LYS A 128 24.44 -31.13 -6.97
N GLN A 129 25.71 -31.55 -7.12
CA GLN A 129 26.64 -30.81 -7.96
C GLN A 129 26.41 -31.08 -9.44
N GLY A 130 25.90 -32.27 -9.79
CA GLY A 130 25.69 -32.59 -11.19
C GLY A 130 24.46 -31.94 -11.79
N GLN A 131 23.45 -31.64 -10.97
CA GLN A 131 22.22 -31.06 -11.46
C GLN A 131 22.24 -29.54 -11.35
N HIS A 132 21.46 -28.89 -12.20
CA HIS A 132 21.29 -27.45 -12.13
C HIS A 132 20.45 -27.07 -10.92
N TRP A 133 20.62 -25.83 -10.45
CA TRP A 133 20.03 -25.44 -9.19
C TRP A 133 18.55 -25.10 -9.30
N LEU A 134 18.13 -24.40 -10.34
CA LEU A 134 16.76 -23.90 -10.45
C LEU A 134 16.05 -24.54 -11.62
N GLU A 135 14.99 -25.28 -11.32
CA GLU A 135 14.03 -25.76 -12.30
C GLU A 135 12.96 -24.68 -12.51
N LYS A 136 12.28 -24.74 -13.65
CA LYS A 136 11.28 -23.72 -13.99
C LYS A 136 10.06 -23.76 -13.08
N LYS A 137 9.81 -24.87 -12.38
CA LYS A 137 8.70 -24.93 -11.43
C LYS A 137 9.12 -24.59 -10.01
N ASP A 138 10.42 -24.51 -9.74
CA ASP A 138 10.93 -24.16 -8.41
C ASP A 138 11.29 -22.67 -8.41
N VAL A 139 10.25 -21.84 -8.40
CA VAL A 139 10.42 -20.39 -8.48
C VAL A 139 9.14 -19.76 -7.92
N VAL A 140 9.25 -18.55 -7.41
CA VAL A 140 8.08 -17.77 -7.01
C VAL A 140 7.76 -16.68 -8.01
N GLY A 141 8.77 -15.95 -8.48
CA GLY A 141 8.54 -14.97 -9.52
C GLY A 141 9.66 -13.93 -9.56
N ARG A 142 9.25 -12.70 -9.89
CA ARG A 142 10.18 -11.61 -10.14
C ARG A 142 9.62 -10.35 -9.50
N ALA A 143 10.39 -9.72 -8.62
CA ALA A 143 9.91 -8.53 -7.91
C ALA A 143 10.25 -7.28 -8.70
N ARG A 144 9.23 -6.49 -9.01
CA ARG A 144 9.43 -5.23 -9.69
C ARG A 144 9.78 -4.10 -8.73
N GLY A 145 9.05 -3.99 -7.61
CA GLY A 145 9.24 -2.81 -6.80
C GLY A 145 9.57 -3.06 -5.35
N PHE A 146 10.15 -2.05 -4.69
CA PHE A 146 10.54 -2.17 -3.29
C PHE A 146 10.22 -0.86 -2.56
N VAL A 147 9.85 -1.00 -1.30
CA VAL A 147 9.57 0.10 -0.40
C VAL A 147 10.62 0.06 0.71
N PRO A 148 11.41 1.12 0.90
CA PRO A 148 12.56 1.06 1.81
C PRO A 148 12.32 1.50 3.25
N TYR A 149 11.07 1.72 3.68
CA TYR A 149 10.88 2.23 5.03
C TYR A 149 9.95 1.36 5.88
N ILE A 150 8.97 0.71 5.26
CA ILE A 150 7.98 -0.04 6.03
C ILE A 150 8.53 -1.41 6.46
N GLY A 151 9.62 -1.87 5.83
CA GLY A 151 10.13 -3.20 6.11
C GLY A 151 10.73 -3.36 7.48
N ILE A 152 11.43 -2.33 7.98
CA ILE A 152 11.97 -2.36 9.33
C ILE A 152 10.84 -2.40 10.36
N VAL A 153 9.76 -1.66 10.08
CA VAL A 153 8.59 -1.63 10.94
C VAL A 153 7.91 -2.99 10.98
N THR A 154 7.77 -3.64 9.82
CA THR A 154 7.07 -4.93 9.83
C THR A 154 7.95 -6.07 10.35
N ILE A 155 9.28 -5.97 10.24
CA ILE A 155 10.08 -7.04 10.84
C ILE A 155 10.20 -6.83 12.35
N LEU A 156 10.15 -5.58 12.83
CA LEU A 156 10.08 -5.38 14.27
C LEU A 156 8.70 -5.71 14.83
N MET A 157 7.66 -5.65 14.00
CA MET A 157 6.35 -6.13 14.43
C MET A 157 6.31 -7.65 14.45
N ASN A 158 6.96 -8.30 13.49
CA ASN A 158 6.98 -9.76 13.46
C ASN A 158 7.90 -10.33 14.53
N ASP A 159 8.91 -9.59 14.95
CA ASP A 159 9.79 -10.04 16.03
C ASP A 159 9.23 -9.78 17.42
N TYR A 160 8.06 -9.14 17.52
CA TYR A 160 7.44 -8.87 18.81
C TYR A 160 6.41 -9.94 19.13
N PRO A 161 6.43 -10.54 20.32
CA PRO A 161 5.45 -11.56 20.70
C PRO A 161 4.07 -10.99 20.97
N ASN B 3 -7.22 12.11 29.70
CA ASN B 3 -7.97 13.21 30.30
C ASN B 3 -8.37 14.21 29.22
N THR B 4 -7.65 15.33 29.16
CA THR B 4 -7.88 16.36 28.15
C THR B 4 -6.85 16.30 27.02
N VAL B 5 -6.01 15.28 27.00
CA VAL B 5 -4.98 15.14 25.97
C VAL B 5 -5.52 14.28 24.82
N LEU B 6 -6.81 13.95 24.87
CA LEU B 6 -7.42 13.22 23.76
C LEU B 6 -7.57 14.10 22.54
N SER B 7 -7.75 15.41 22.74
CA SER B 7 -7.77 16.34 21.62
C SER B 7 -6.41 16.41 20.94
N ARG B 8 -5.33 16.44 21.73
CA ARG B 8 -3.98 16.39 21.18
C ARG B 8 -3.69 15.05 20.54
N ALA B 9 -4.29 13.97 21.05
CA ALA B 9 -4.12 12.65 20.44
C ALA B 9 -4.78 12.59 19.07
N ASN B 10 -6.02 13.08 18.97
CA ASN B 10 -6.71 13.13 17.68
C ASN B 10 -5.99 14.05 16.71
N SER B 11 -5.44 15.16 17.22
CA SER B 11 -4.68 16.08 16.36
C SER B 11 -3.38 15.46 15.88
N LEU B 12 -2.71 14.66 16.72
CA LEU B 12 -1.47 14.05 16.28
C LEU B 12 -1.72 12.90 15.31
N PHE B 13 -2.83 12.16 15.48
CA PHE B 13 -3.23 11.19 14.45
C PHE B 13 -3.51 11.87 13.12
N ALA B 14 -4.25 13.00 13.17
CA ALA B 14 -4.63 13.70 11.95
C ALA B 14 -3.42 14.27 11.22
N PHE B 15 -2.53 14.97 11.94
CA PHE B 15 -1.35 15.53 11.29
C PHE B 15 -0.32 14.47 10.93
N SER B 16 -0.27 13.34 11.65
CA SER B 16 0.67 12.29 11.29
C SER B 16 0.24 11.59 10.00
N LEU B 17 -1.06 11.26 9.89
CA LEU B 17 -1.56 10.74 8.62
C LEU B 17 -1.50 11.77 7.51
N SER B 18 -1.60 13.06 7.84
CA SER B 18 -1.49 14.11 6.82
C SER B 18 -0.07 14.18 6.26
N VAL B 19 0.95 14.17 7.14
CA VAL B 19 2.31 14.27 6.63
C VAL B 19 2.75 12.95 6.00
N MET B 20 2.18 11.82 6.43
CA MET B 20 2.48 10.54 5.77
C MET B 20 1.88 10.49 4.38
N ALA B 21 0.63 10.95 4.23
CA ALA B 21 0.02 11.04 2.92
C ALA B 21 0.78 12.03 2.03
N ALA B 22 1.24 13.15 2.61
CA ALA B 22 1.99 14.14 1.84
C ALA B 22 3.31 13.58 1.33
N LEU B 23 4.03 12.82 2.16
CA LEU B 23 5.29 12.25 1.71
C LEU B 23 5.06 11.11 0.71
N THR B 24 3.94 10.38 0.82
CA THR B 24 3.68 9.34 -0.18
C THR B 24 3.30 9.94 -1.53
N PHE B 25 2.43 10.98 -1.53
CA PHE B 25 2.13 11.69 -2.77
C PHE B 25 3.39 12.29 -3.39
N GLY B 26 4.26 12.86 -2.55
CA GLY B 26 5.52 13.39 -3.03
C GLY B 26 6.43 12.32 -3.64
N CYS B 27 6.47 11.13 -3.03
CA CYS B 27 7.39 10.13 -3.53
C CYS B 27 6.89 9.46 -4.81
N PHE B 28 5.58 9.23 -4.98
CA PHE B 28 5.24 8.67 -6.30
C PHE B 28 5.04 9.74 -7.38
N ILE B 29 4.86 11.01 -7.02
CA ILE B 29 5.01 12.05 -8.05
C ILE B 29 6.49 12.20 -8.43
N THR B 30 7.39 11.95 -7.47
CA THR B 30 8.83 11.96 -7.75
C THR B 30 9.22 10.83 -8.70
N THR B 31 8.80 9.60 -8.40
CA THR B 31 9.14 8.50 -9.29
C THR B 31 8.20 8.39 -10.49
N ALA B 32 7.22 9.28 -10.63
CA ALA B 32 6.29 9.19 -11.75
C ALA B 32 6.85 9.78 -13.04
N PHE B 33 7.45 10.97 -12.98
CA PHE B 33 7.76 11.69 -14.22
C PHE B 33 9.03 11.20 -14.92
N LYS B 34 9.82 10.35 -14.28
CA LYS B 34 11.05 9.83 -14.89
C LYS B 34 10.78 8.49 -15.56
N ASP B 35 10.05 8.55 -16.68
CA ASP B 35 9.74 7.35 -17.46
C ASP B 35 10.80 7.06 -18.50
N ARG B 36 11.47 8.09 -19.02
CA ARG B 36 12.47 7.93 -20.06
C ARG B 36 13.81 7.55 -19.45
N SER B 37 14.58 6.76 -20.20
CA SER B 37 15.90 6.32 -19.79
C SER B 37 16.89 6.59 -20.92
N VAL B 38 18.17 6.60 -20.56
CA VAL B 38 19.24 6.87 -21.52
C VAL B 38 20.21 5.70 -21.59
N PRO B 39 20.74 5.36 -22.76
CA PRO B 39 21.67 4.23 -22.84
C PRO B 39 23.12 4.63 -22.57
N VAL B 40 24.02 3.65 -22.65
CA VAL B 40 25.45 3.87 -22.50
C VAL B 40 26.16 3.37 -23.75
N ARG B 41 27.44 3.67 -23.85
CA ARG B 41 28.24 3.34 -25.02
C ARG B 41 29.36 2.37 -24.64
N LEU B 42 29.67 1.44 -25.54
CA LEU B 42 30.70 0.44 -25.34
C LEU B 42 31.70 0.51 -26.48
N HIS B 43 32.98 0.46 -26.14
CA HIS B 43 34.05 0.45 -27.13
C HIS B 43 35.15 -0.48 -26.65
N VAL B 44 35.38 -1.57 -27.39
CA VAL B 44 36.41 -2.55 -27.08
C VAL B 44 37.42 -2.54 -28.23
N SER B 45 38.69 -2.35 -27.88
CA SER B 45 39.72 -2.22 -28.91
C SER B 45 40.08 -3.56 -29.54
N ARG B 46 40.60 -4.49 -28.74
CA ARG B 46 41.04 -5.79 -29.22
C ARG B 46 40.44 -6.89 -28.35
N ILE B 47 40.73 -8.14 -28.70
CA ILE B 47 40.24 -9.30 -27.98
C ILE B 47 41.38 -10.30 -27.84
N MET B 48 41.42 -11.00 -26.71
CA MET B 48 42.39 -12.07 -26.47
C MET B 48 41.64 -13.30 -25.99
N LEU B 49 41.96 -14.45 -26.60
CA LEU B 49 41.25 -15.70 -26.34
C LEU B 49 42.30 -16.80 -26.27
N LYS B 50 42.42 -17.44 -25.10
CA LYS B 50 43.45 -18.45 -24.87
C LYS B 50 42.82 -19.69 -24.23
N ASN B 51 43.64 -20.76 -24.20
CA ASN B 51 43.50 -22.04 -23.48
C ASN B 51 42.09 -22.60 -23.34
N VAL B 52 41.35 -22.67 -24.44
CA VAL B 52 40.05 -23.32 -24.44
C VAL B 52 40.26 -24.83 -24.47
N GLU B 53 40.17 -25.48 -23.32
CA GLU B 53 40.50 -26.89 -23.17
C GLU B 53 39.26 -27.69 -22.78
N ASP B 54 39.28 -28.97 -23.14
CA ASP B 54 38.19 -29.90 -22.80
C ASP B 54 38.50 -30.49 -21.43
N PHE B 55 37.88 -29.92 -20.40
CA PHE B 55 38.11 -30.34 -19.02
C PHE B 55 37.32 -31.62 -18.76
N THR B 56 37.99 -32.76 -18.88
CA THR B 56 37.37 -34.05 -18.56
C THR B 56 37.36 -34.21 -17.05
N GLY B 57 36.22 -33.92 -16.43
CA GLY B 57 36.10 -33.98 -14.99
C GLY B 57 35.24 -35.14 -14.52
N PRO B 58 35.35 -35.47 -13.23
CA PRO B 58 34.49 -36.53 -12.68
C PRO B 58 33.03 -36.15 -12.59
N ARG B 59 32.71 -34.86 -12.52
CA ARG B 59 31.31 -34.43 -12.44
C ARG B 59 30.65 -34.48 -13.82
N GLU B 60 31.15 -33.69 -14.76
CA GLU B 60 30.82 -33.84 -16.17
C GLU B 60 32.09 -33.66 -16.99
N ARG B 61 32.01 -34.02 -18.28
CA ARG B 61 33.10 -33.83 -19.22
C ARG B 61 32.81 -32.57 -20.02
N SER B 62 33.07 -31.42 -19.37
CA SER B 62 32.72 -30.12 -19.91
C SER B 62 33.93 -29.45 -20.55
N ASP B 63 33.77 -28.19 -20.92
CA ASP B 63 34.82 -27.40 -21.57
C ASP B 63 35.09 -26.15 -20.74
N LEU B 64 36.37 -25.76 -20.68
CA LEU B 64 36.80 -24.61 -19.90
C LEU B 64 37.54 -23.64 -20.81
N GLY B 65 37.37 -22.35 -20.55
CA GLY B 65 38.05 -21.32 -21.33
C GLY B 65 38.17 -20.03 -20.53
N PHE B 66 39.07 -19.17 -20.99
CA PHE B 66 39.31 -17.87 -20.37
C PHE B 66 38.98 -16.74 -21.33
N ILE B 67 38.51 -15.63 -20.78
CA ILE B 67 38.13 -14.44 -21.54
C ILE B 67 38.90 -13.25 -20.99
N THR B 68 39.58 -12.51 -21.88
CA THR B 68 40.34 -11.33 -21.49
C THR B 68 40.17 -10.26 -22.57
N PHE B 69 39.79 -9.06 -22.16
CA PHE B 69 39.51 -7.97 -23.10
C PHE B 69 39.78 -6.64 -22.40
N ASP B 70 39.35 -5.54 -23.04
CA ASP B 70 39.55 -4.20 -22.54
C ASP B 70 38.21 -3.49 -22.51
N ILE B 71 38.07 -2.46 -21.65
CA ILE B 71 36.86 -1.66 -21.61
C ILE B 71 37.22 -0.18 -21.63
N THR B 72 36.46 0.59 -22.41
CA THR B 72 36.47 2.05 -22.39
C THR B 72 35.03 2.52 -22.47
N ALA B 73 34.60 3.32 -21.50
CA ALA B 73 33.22 3.79 -21.47
C ALA B 73 33.16 5.13 -20.77
N ASP B 74 31.93 5.67 -20.67
CA ASP B 74 31.71 6.96 -20.04
C ASP B 74 30.35 6.93 -19.34
N LEU B 75 30.28 7.62 -18.20
CA LEU B 75 29.07 7.63 -17.37
C LEU B 75 28.64 9.04 -17.01
N GLU B 76 29.08 10.05 -17.75
CA GLU B 76 28.74 11.43 -17.45
C GLU B 76 27.33 11.83 -17.89
N ASN B 77 26.54 10.90 -18.43
CA ASN B 77 25.17 11.16 -18.82
C ASN B 77 24.23 10.05 -18.35
N ILE B 78 24.49 9.48 -17.17
CA ILE B 78 23.71 8.34 -16.70
C ILE B 78 23.26 8.59 -15.26
N PHE B 79 23.82 9.61 -14.62
CA PHE B 79 23.49 9.89 -13.22
C PHE B 79 22.14 10.58 -13.12
N ASP B 80 21.35 10.16 -12.14
CA ASP B 80 20.00 10.64 -11.95
C ASP B 80 19.86 11.26 -10.56
N TRP B 81 18.62 11.59 -10.20
CA TRP B 81 18.36 12.28 -8.93
C TRP B 81 17.99 11.32 -7.81
N ASN B 82 17.42 10.16 -8.14
CA ASN B 82 17.01 9.19 -7.12
C ASN B 82 17.76 7.87 -7.25
N VAL B 83 18.81 7.81 -8.07
CA VAL B 83 19.59 6.59 -8.23
C VAL B 83 20.48 6.40 -7.01
N LYS B 84 20.67 5.14 -6.60
CA LYS B 84 21.48 4.81 -5.44
C LYS B 84 22.69 3.98 -5.80
N GLN B 85 22.52 2.92 -6.59
CA GLN B 85 23.58 1.96 -6.84
C GLN B 85 23.67 1.63 -8.33
N LEU B 86 24.88 1.60 -8.85
CA LEU B 86 25.16 1.24 -10.24
C LEU B 86 25.76 -0.16 -10.27
N PHE B 87 25.27 -0.99 -11.19
CA PHE B 87 25.61 -2.40 -11.23
C PHE B 87 25.93 -2.83 -12.66
N LEU B 88 26.83 -3.80 -12.80
CA LEU B 88 27.28 -4.29 -14.09
C LEU B 88 26.94 -5.76 -14.26
N TYR B 89 26.65 -6.15 -15.49
CA TYR B 89 26.59 -7.55 -15.89
C TYR B 89 26.82 -7.63 -17.39
N LEU B 90 27.54 -8.67 -17.80
CA LEU B 90 28.03 -8.81 -19.17
C LEU B 90 27.19 -9.85 -19.89
N SER B 91 26.53 -9.44 -20.97
CA SER B 91 25.72 -10.33 -21.79
C SER B 91 26.60 -10.91 -22.90
N ALA B 92 27.05 -12.15 -22.72
CA ALA B 92 27.89 -12.84 -23.69
C ALA B 92 27.11 -14.03 -24.25
N GLU B 93 26.32 -13.78 -25.28
CA GLU B 93 25.41 -14.76 -25.84
C GLU B 93 26.07 -15.52 -26.99
N TYR B 94 25.85 -16.82 -27.03
CA TYR B 94 26.28 -17.65 -28.16
C TYR B 94 25.33 -18.83 -28.28
N SER B 95 25.54 -19.64 -29.32
CA SER B 95 24.70 -20.79 -29.61
C SER B 95 25.56 -22.03 -29.80
N THR B 96 24.99 -23.18 -29.49
CA THR B 96 25.65 -24.48 -29.62
C THR B 96 24.91 -25.34 -30.63
N LYS B 97 25.33 -26.61 -30.73
CA LYS B 97 24.76 -27.53 -31.69
C LYS B 97 23.50 -28.22 -31.19
N ASN B 98 23.29 -28.28 -29.87
CA ASN B 98 22.11 -28.90 -29.29
C ASN B 98 21.00 -27.90 -28.97
N ASN B 99 20.95 -26.80 -29.73
CA ASN B 99 19.92 -25.75 -29.64
C ASN B 99 19.88 -25.12 -28.24
N ALA B 100 21.06 -24.91 -27.65
CA ALA B 100 21.19 -24.32 -26.32
C ALA B 100 21.82 -22.95 -26.46
N LEU B 101 21.00 -21.91 -26.25
CA LEU B 101 21.46 -20.52 -26.30
C LEU B 101 22.05 -20.18 -24.93
N ASN B 102 23.38 -20.17 -24.85
CA ASN B 102 24.08 -19.97 -23.59
C ASN B 102 24.49 -18.51 -23.40
N GLN B 103 24.73 -18.16 -22.14
CA GLN B 103 25.23 -16.85 -21.77
C GLN B 103 25.98 -16.95 -20.45
N VAL B 104 27.14 -16.31 -20.38
CA VAL B 104 27.98 -16.28 -19.19
C VAL B 104 28.29 -14.82 -18.86
N VAL B 105 28.02 -14.42 -17.62
CA VAL B 105 28.40 -13.08 -17.18
C VAL B 105 29.88 -13.08 -16.77
N LEU B 106 30.45 -11.89 -16.67
CA LEU B 106 31.89 -11.79 -16.44
C LEU B 106 32.24 -11.18 -15.10
N TRP B 107 31.78 -9.97 -14.79
CA TRP B 107 32.20 -9.26 -13.59
C TRP B 107 31.20 -8.16 -13.26
N ASP B 108 31.40 -7.52 -12.11
CA ASP B 108 30.57 -6.42 -11.65
C ASP B 108 31.38 -5.55 -10.69
N LYS B 109 30.89 -4.33 -10.47
CA LYS B 109 31.51 -3.39 -9.55
C LYS B 109 30.44 -2.71 -8.71
N ILE B 110 30.76 -2.47 -7.44
CA ILE B 110 29.86 -1.72 -6.55
C ILE B 110 30.20 -0.24 -6.76
N VAL B 111 29.54 0.35 -7.75
CA VAL B 111 29.81 1.72 -8.15
C VAL B 111 28.90 2.66 -7.38
N LEU B 112 29.50 3.59 -6.63
CA LEU B 112 28.77 4.64 -5.95
C LEU B 112 29.00 5.95 -6.70
N ARG B 113 28.02 6.84 -6.62
CA ARG B 113 28.06 8.12 -7.32
C ARG B 113 29.14 9.00 -6.73
N GLY B 114 30.26 9.14 -7.45
CA GLY B 114 31.40 9.93 -7.00
C GLY B 114 32.69 9.16 -6.87
N ASP B 115 32.73 7.86 -7.21
CA ASP B 115 33.96 7.09 -7.05
C ASP B 115 34.88 7.23 -8.26
N ASN B 116 34.35 7.01 -9.46
CA ASN B 116 35.19 7.01 -10.65
C ASN B 116 34.52 7.79 -11.79
N PRO B 117 35.11 8.92 -12.21
CA PRO B 117 34.48 9.69 -13.30
C PRO B 117 34.66 9.09 -14.69
N LYS B 118 35.70 8.27 -14.91
CA LYS B 118 35.96 7.66 -16.20
C LYS B 118 36.25 6.18 -16.00
N LEU B 119 35.47 5.32 -16.65
CA LEU B 119 35.63 3.87 -16.55
C LEU B 119 36.31 3.36 -17.82
N LEU B 120 37.64 3.27 -17.77
CA LEU B 120 38.41 2.66 -18.84
C LEU B 120 39.61 1.95 -18.24
N LEU B 121 39.76 0.67 -18.58
CA LEU B 121 40.88 -0.13 -18.10
C LEU B 121 41.09 -1.30 -19.05
N LYS B 122 42.35 -1.71 -19.17
CA LYS B 122 42.75 -2.76 -20.08
C LYS B 122 42.93 -4.08 -19.35
N ASP B 123 43.02 -5.15 -20.15
CA ASP B 123 43.40 -6.55 -19.87
C ASP B 123 43.03 -7.10 -18.49
N MET B 124 41.76 -6.92 -18.10
CA MET B 124 41.34 -7.43 -16.80
C MET B 124 41.13 -8.94 -16.87
N LYS B 125 41.15 -9.58 -15.71
CA LYS B 125 40.97 -11.02 -15.60
C LYS B 125 39.80 -11.29 -14.69
N THR B 126 38.80 -12.03 -15.19
CA THR B 126 37.60 -12.35 -14.44
C THR B 126 37.81 -13.68 -13.72
N LYS B 127 37.68 -13.66 -12.39
CA LYS B 127 37.85 -14.86 -11.58
C LYS B 127 36.67 -15.82 -11.67
N TYR B 128 35.54 -15.38 -12.24
CA TYR B 128 34.40 -16.25 -12.44
C TYR B 128 34.70 -17.24 -13.55
N PHE B 129 34.42 -18.51 -13.30
CA PHE B 129 34.78 -19.58 -14.23
C PHE B 129 33.82 -19.58 -15.41
N PHE B 130 34.36 -19.37 -16.61
CA PHE B 130 33.60 -19.48 -17.85
C PHE B 130 33.30 -20.95 -18.10
N PHE B 131 32.10 -21.38 -17.74
CA PHE B 131 31.73 -22.79 -17.76
C PHE B 131 30.87 -23.08 -18.99
N ASP B 132 31.28 -24.07 -19.77
CA ASP B 132 30.48 -24.54 -20.88
C ASP B 132 29.58 -25.67 -20.42
N ASP B 133 28.33 -25.68 -20.90
CA ASP B 133 27.34 -26.62 -20.39
C ASP B 133 27.55 -28.02 -20.97
N GLY B 134 27.44 -28.16 -22.29
CA GLY B 134 27.56 -29.44 -22.94
C GLY B 134 28.65 -29.48 -23.99
N ASN B 135 29.79 -28.84 -23.66
CA ASN B 135 31.06 -28.71 -24.39
C ASN B 135 30.94 -28.59 -25.90
N GLY B 136 29.97 -27.80 -26.36
CA GLY B 136 29.75 -27.54 -27.77
C GLY B 136 30.34 -26.24 -28.26
N LEU B 137 31.15 -25.55 -27.46
CA LEU B 137 31.78 -24.32 -27.90
C LEU B 137 32.91 -24.60 -28.88
N LYS B 138 33.50 -25.80 -28.81
CA LYS B 138 34.57 -26.19 -29.72
C LYS B 138 33.98 -26.46 -31.10
N GLY B 139 33.94 -25.44 -31.94
CA GLY B 139 33.32 -25.56 -33.25
C GLY B 139 32.40 -24.41 -33.56
N ASN B 140 32.25 -23.50 -32.59
CA ASN B 140 31.41 -22.32 -32.80
C ASN B 140 32.12 -21.33 -33.72
N ARG B 141 31.32 -20.56 -34.46
CA ARG B 141 31.85 -19.62 -35.44
C ARG B 141 31.72 -18.16 -35.02
N ASN B 142 30.92 -17.86 -34.01
CA ASN B 142 30.84 -16.50 -33.49
C ASN B 142 30.44 -16.53 -32.03
N VAL B 143 31.03 -15.63 -31.24
CA VAL B 143 30.52 -15.26 -29.93
C VAL B 143 30.39 -13.75 -29.89
N THR B 144 29.35 -13.26 -29.23
CA THR B 144 29.10 -11.83 -29.19
C THR B 144 29.03 -11.35 -27.74
N LEU B 145 29.29 -10.06 -27.57
CA LEU B 145 29.31 -9.43 -26.26
C LEU B 145 28.61 -8.08 -26.35
N THR B 146 27.79 -7.78 -25.33
CA THR B 146 27.04 -6.54 -25.28
C THR B 146 26.93 -6.11 -23.81
N LEU B 147 27.35 -4.88 -23.52
CA LEU B 147 27.35 -4.39 -22.15
C LEU B 147 25.96 -3.92 -21.76
N SER B 148 25.50 -4.33 -20.59
CA SER B 148 24.25 -3.86 -20.00
C SER B 148 24.50 -3.46 -18.55
N TRP B 149 23.49 -2.85 -17.95
CA TRP B 149 23.60 -2.36 -16.58
C TRP B 149 22.24 -2.38 -15.89
N ASN B 150 22.26 -2.12 -14.59
CA ASN B 150 21.05 -2.10 -13.78
C ASN B 150 21.28 -1.14 -12.61
N VAL B 151 20.23 -0.40 -12.25
CA VAL B 151 20.27 0.52 -11.12
C VAL B 151 19.07 0.24 -10.23
N VAL B 152 19.07 0.87 -9.07
CA VAL B 152 17.95 0.86 -8.14
C VAL B 152 17.51 2.30 -7.88
N PRO B 153 16.22 2.59 -7.89
CA PRO B 153 15.75 3.92 -7.50
C PRO B 153 15.61 4.05 -5.99
N ASN B 154 15.01 5.14 -5.51
CA ASN B 154 14.74 5.24 -4.08
C ASN B 154 13.61 4.30 -3.64
N ALA B 155 12.47 4.35 -4.32
CA ALA B 155 11.34 3.49 -3.94
C ALA B 155 10.55 2.95 -5.12
N GLY B 156 11.13 2.93 -6.32
CA GLY B 156 10.35 2.61 -7.51
C GLY B 156 10.51 1.22 -8.07
N ILE B 157 10.64 1.12 -9.39
CA ILE B 157 10.57 -0.14 -10.11
C ILE B 157 12.00 -0.48 -10.55
N LEU B 158 12.20 -1.73 -11.01
CA LEU B 158 13.50 -2.23 -11.45
C LEU B 158 13.51 -2.49 -12.95
N PRO B 159 13.91 -1.52 -13.77
CA PRO B 159 14.12 -1.79 -15.20
C PRO B 159 15.56 -2.18 -15.49
N LEU B 160 15.74 -2.88 -16.60
CA LEU B 160 17.06 -3.18 -17.14
C LEU B 160 17.18 -2.52 -18.50
N VAL B 161 18.25 -1.76 -18.69
CA VAL B 161 18.49 -1.01 -19.93
C VAL B 161 19.83 -1.47 -20.49
N THR B 162 19.79 -2.17 -21.63
CA THR B 162 20.99 -2.67 -22.26
C THR B 162 21.56 -1.62 -23.20
N GLY B 163 22.81 -1.25 -22.97
CA GLY B 163 23.46 -0.27 -23.84
C GLY B 163 23.81 -0.86 -25.20
N SER B 164 23.75 -0.01 -26.22
CA SER B 164 24.03 -0.45 -27.58
C SER B 164 25.52 -0.60 -27.79
N GLY B 165 25.88 -1.66 -28.53
CA GLY B 165 27.28 -1.96 -28.81
C GLY B 165 27.61 -3.42 -28.57
N HIS B 166 28.13 -4.09 -29.60
CA HIS B 166 28.41 -5.51 -29.52
C HIS B 166 29.74 -5.82 -30.20
N VAL B 167 30.43 -6.82 -29.67
CA VAL B 167 31.70 -7.30 -30.22
C VAL B 167 31.51 -8.75 -30.63
N SER B 168 31.81 -9.06 -31.89
CA SER B 168 31.66 -10.40 -32.43
C SER B 168 33.04 -10.96 -32.75
N VAL B 169 33.36 -12.10 -32.14
CA VAL B 169 34.69 -12.71 -32.23
C VAL B 169 34.51 -14.15 -32.72
N PRO B 170 35.23 -14.58 -33.76
CA PRO B 170 35.13 -15.97 -34.21
C PRO B 170 35.91 -16.92 -33.30
N PHE B 171 35.95 -18.18 -33.70
CA PHE B 171 36.58 -19.23 -32.90
C PHE B 171 37.03 -20.37 -33.81
N PRO B 172 38.26 -20.90 -33.63
CA PRO B 172 38.75 -21.95 -34.54
C PRO B 172 38.08 -23.31 -34.31
N ASP B 173 38.46 -24.31 -35.10
CA ASP B 173 37.74 -25.58 -35.10
C ASP B 173 38.13 -26.46 -33.92
N THR B 174 39.39 -26.92 -33.90
CA THR B 174 39.89 -27.83 -32.85
C THR B 174 41.32 -27.39 -32.52
N TYR B 175 41.46 -26.60 -31.45
CA TYR B 175 42.77 -26.12 -31.03
C TYR B 175 42.71 -25.78 -29.55
N GLU B 176 43.64 -26.34 -28.78
CA GLU B 176 43.51 -26.34 -27.31
C GLU B 176 43.96 -25.02 -26.70
N ILE B 177 45.24 -24.68 -26.82
CA ILE B 177 45.81 -23.50 -26.18
C ILE B 177 45.83 -22.42 -27.26
N THR B 178 44.76 -21.64 -27.34
CA THR B 178 44.52 -20.77 -28.47
C THR B 178 45.46 -19.57 -28.48
N LYS B 179 46.19 -19.41 -29.58
CA LYS B 179 47.13 -18.31 -29.75
C LYS B 179 46.40 -17.14 -30.42
N SER B 180 46.07 -16.13 -29.62
CA SER B 180 45.41 -14.93 -30.12
C SER B 180 46.33 -13.73 -29.98
N TYR B 181 46.08 -12.72 -30.79
CA TYR B 181 46.89 -11.51 -30.79
C TYR B 181 46.13 -10.36 -30.13
N TRP C 51 -14.99 14.92 23.10
CA TRP C 51 -14.52 16.16 22.48
C TRP C 51 -15.23 16.41 21.15
N ASP C 52 -15.49 15.34 20.40
CA ASP C 52 -16.19 15.46 19.15
C ASP C 52 -17.69 15.67 19.38
N GLY C 53 -18.38 16.03 18.31
CA GLY C 53 -19.81 16.31 18.42
C GLY C 53 -20.67 15.07 18.55
N SER C 54 -20.15 13.90 18.18
CA SER C 54 -20.94 12.67 18.14
C SER C 54 -21.46 12.25 19.50
N ALA C 55 -20.79 12.65 20.58
CA ALA C 55 -21.27 12.35 21.94
C ALA C 55 -22.57 13.06 22.24
N VAL C 56 -22.64 14.38 22.01
CA VAL C 56 -23.90 15.07 22.26
C VAL C 56 -24.93 14.72 21.20
N LYS C 57 -24.49 14.33 19.99
CA LYS C 57 -25.41 13.88 18.95
C LYS C 57 -26.16 12.61 19.37
N ASN C 58 -25.42 11.55 19.70
CA ASN C 58 -26.13 10.31 20.04
C ASN C 58 -26.74 10.35 21.45
N SER C 59 -26.24 11.21 22.35
CA SER C 59 -26.92 11.36 23.64
C SER C 59 -28.24 12.09 23.48
N LEU C 60 -28.29 13.12 22.61
CA LEU C 60 -29.54 13.80 22.36
C LEU C 60 -30.51 12.93 21.56
N ASP C 61 -29.98 12.06 20.69
CA ASP C 61 -30.85 11.11 19.98
C ASP C 61 -31.44 10.08 20.94
N ASP C 62 -30.63 9.60 21.90
CA ASP C 62 -31.15 8.68 22.90
C ASP C 62 -32.17 9.35 23.82
N SER C 63 -31.93 10.62 24.17
CA SER C 63 -32.90 11.36 24.98
C SER C 63 -34.18 11.63 24.20
N ALA C 64 -34.08 11.86 22.89
CA ALA C 64 -35.26 12.07 22.06
C ALA C 64 -36.08 10.79 21.94
N LYS C 65 -35.40 9.64 21.77
CA LYS C 65 -36.13 8.37 21.74
C LYS C 65 -36.72 8.04 23.11
N LYS C 66 -36.04 8.43 24.19
CA LYS C 66 -36.55 8.19 25.53
C LYS C 66 -37.80 9.02 25.80
N VAL C 67 -37.79 10.30 25.43
CA VAL C 67 -38.97 11.13 25.66
C VAL C 67 -40.08 10.75 24.68
N LEU C 68 -39.72 10.21 23.51
CA LEU C 68 -40.71 9.66 22.57
C LEU C 68 -41.46 8.49 23.19
N LEU C 69 -40.72 7.51 23.71
CA LEU C 69 -41.35 6.33 24.31
C LEU C 69 -42.01 6.68 25.64
N GLU C 70 -41.57 7.75 26.31
CA GLU C 70 -42.12 8.10 27.60
C GLU C 70 -43.40 8.92 27.48
N LYS C 71 -43.54 9.73 26.43
CA LYS C 71 -44.69 10.60 26.32
C LYS C 71 -45.65 10.22 25.20
N TYR C 72 -45.14 9.91 24.01
CA TYR C 72 -46.03 9.77 22.86
C TYR C 72 -46.56 8.36 22.68
N LYS C 73 -45.86 7.35 23.21
CA LYS C 73 -46.29 5.94 23.25
C LYS C 73 -46.54 5.37 21.85
N TYR C 74 -45.47 5.32 21.05
CA TYR C 74 -45.53 4.71 19.73
C TYR C 74 -44.45 3.64 19.62
N VAL C 75 -44.71 2.64 18.78
CA VAL C 75 -43.87 1.45 18.70
C VAL C 75 -42.78 1.68 17.67
N GLU C 76 -41.52 1.72 18.12
CA GLU C 76 -40.41 1.91 17.21
C GLU C 76 -40.12 0.63 16.43
N ASN C 77 -39.68 0.79 15.18
CA ASN C 77 -39.36 -0.35 14.32
C ASN C 77 -38.12 -0.02 13.51
N PHE C 78 -37.75 -0.95 12.63
CA PHE C 78 -36.53 -0.85 11.84
C PHE C 78 -36.68 -1.75 10.62
N GLY C 79 -35.57 -2.06 9.96
CA GLY C 79 -35.59 -2.87 8.76
C GLY C 79 -34.53 -2.50 7.76
N LEU C 80 -34.11 -1.23 7.76
CA LEU C 80 -32.87 -0.89 7.06
C LEU C 80 -31.67 -1.49 7.79
N ILE C 81 -31.77 -1.58 9.12
CA ILE C 81 -30.78 -2.31 9.92
C ILE C 81 -30.80 -3.79 9.54
N ASP C 82 -31.99 -4.34 9.29
CA ASP C 82 -32.10 -5.72 8.83
C ASP C 82 -31.52 -5.91 7.43
N GLY C 83 -31.64 -4.89 6.57
CA GLY C 83 -30.95 -4.94 5.29
C GLY C 83 -29.44 -4.90 5.44
N ARG C 84 -28.95 -4.15 6.43
CA ARG C 84 -27.51 -4.17 6.73
C ARG C 84 -27.06 -5.53 7.24
N LEU C 85 -27.88 -6.16 8.10
CA LEU C 85 -27.68 -7.55 8.49
C LEU C 85 -27.59 -8.47 7.27
N THR C 86 -28.50 -8.27 6.31
CA THR C 86 -28.55 -9.12 5.13
C THR C 86 -27.27 -8.99 4.30
N ILE C 87 -26.84 -7.75 4.03
CA ILE C 87 -25.67 -7.56 3.17
C ILE C 87 -24.39 -7.98 3.89
N CYS C 88 -24.30 -7.75 5.21
CA CYS C 88 -23.07 -8.11 5.90
C CYS C 88 -22.97 -9.62 6.11
N THR C 89 -24.09 -10.29 6.39
CA THR C 89 -24.06 -11.74 6.53
C THR C 89 -23.81 -12.44 5.20
N ILE C 90 -24.36 -11.92 4.09
CA ILE C 90 -24.07 -12.52 2.79
C ILE C 90 -22.61 -12.31 2.39
N SER C 91 -22.06 -11.11 2.68
CA SER C 91 -20.66 -10.83 2.40
C SER C 91 -19.73 -11.73 3.21
N CYS C 92 -20.04 -11.91 4.50
CA CYS C 92 -19.26 -12.83 5.33
C CYS C 92 -19.44 -14.27 4.89
N PHE C 93 -20.61 -14.64 4.38
CA PHE C 93 -20.85 -15.99 3.87
C PHE C 93 -19.92 -16.31 2.71
N PHE C 94 -19.94 -15.50 1.64
CA PHE C 94 -19.07 -15.90 0.53
C PHE C 94 -17.61 -15.56 0.79
N ALA C 95 -17.30 -14.68 1.74
CA ALA C 95 -15.91 -14.45 2.13
C ALA C 95 -15.33 -15.66 2.85
N ILE C 96 -16.07 -16.23 3.81
CA ILE C 96 -15.60 -17.41 4.53
C ILE C 96 -15.60 -18.65 3.61
N VAL C 97 -16.56 -18.74 2.69
CA VAL C 97 -16.57 -19.83 1.72
C VAL C 97 -15.35 -19.76 0.80
N ALA C 98 -15.02 -18.56 0.32
CA ALA C 98 -13.84 -18.39 -0.53
C ALA C 98 -12.55 -18.64 0.26
N LEU C 99 -12.53 -18.27 1.54
CA LEU C 99 -11.33 -18.49 2.36
C LEU C 99 -11.10 -19.98 2.62
N ILE C 100 -12.17 -20.72 2.94
CA ILE C 100 -12.03 -22.16 3.16
C ILE C 100 -11.72 -22.88 1.85
N TRP C 101 -12.30 -22.41 0.73
CA TRP C 101 -12.05 -23.04 -0.55
C TRP C 101 -10.63 -22.76 -1.06
N ASP C 102 -10.05 -21.61 -0.70
CA ASP C 102 -8.65 -21.36 -1.00
C ASP C 102 -7.71 -22.05 -0.01
N TYR C 103 -8.17 -22.33 1.20
CA TYR C 103 -7.34 -23.06 2.15
C TYR C 103 -7.27 -24.55 1.80
N MET C 104 -8.34 -25.11 1.24
CA MET C 104 -8.40 -26.53 0.95
C MET C 104 -7.91 -26.88 -0.46
N HIS C 105 -7.63 -25.90 -1.30
CA HIS C 105 -7.31 -26.15 -2.70
C HIS C 105 -6.17 -25.23 -3.13
N PRO C 106 -5.34 -25.67 -4.07
CA PRO C 106 -4.22 -24.82 -4.53
C PRO C 106 -4.70 -23.64 -5.36
N PHE C 107 -3.76 -22.71 -5.59
CA PHE C 107 -4.12 -21.40 -6.14
C PHE C 107 -4.38 -21.37 -7.65
N PRO C 108 -3.49 -21.87 -8.55
CA PRO C 108 -3.70 -21.61 -9.99
C PRO C 108 -4.88 -22.35 -10.61
N GLU C 109 -5.46 -23.34 -9.92
CA GLU C 109 -6.74 -23.88 -10.30
C GLU C 109 -7.90 -23.19 -9.60
N SER C 110 -7.61 -22.19 -8.76
CA SER C 110 -8.61 -21.45 -8.01
C SER C 110 -8.58 -19.95 -8.32
N LYS C 111 -7.80 -19.53 -9.32
CA LYS C 111 -7.75 -18.11 -9.70
C LYS C 111 -9.07 -17.52 -10.20
N PRO C 112 -9.71 -18.03 -11.28
CA PRO C 112 -10.65 -17.16 -12.03
C PRO C 112 -11.97 -16.88 -11.32
N VAL C 113 -12.58 -17.89 -10.70
CA VAL C 113 -13.84 -17.63 -10.00
C VAL C 113 -13.60 -16.86 -8.69
N LEU C 114 -12.39 -16.94 -8.12
CA LEU C 114 -12.05 -16.08 -7.00
C LEU C 114 -11.92 -14.63 -7.45
N ALA C 115 -11.39 -14.41 -8.65
CA ALA C 115 -11.37 -13.06 -9.23
C ALA C 115 -12.78 -12.56 -9.49
N LEU C 116 -13.67 -13.44 -9.96
CA LEU C 116 -15.07 -13.08 -10.13
C LEU C 116 -15.74 -12.73 -8.80
N CYS C 117 -15.40 -13.46 -7.74
CA CYS C 117 -15.97 -13.19 -6.42
C CYS C 117 -15.46 -11.86 -5.85
N VAL C 118 -14.19 -11.53 -6.07
CA VAL C 118 -13.71 -10.27 -5.51
C VAL C 118 -14.21 -9.08 -6.35
N ILE C 119 -14.42 -9.26 -7.66
CA ILE C 119 -15.04 -8.19 -8.46
C ILE C 119 -16.51 -8.01 -8.06
N SER C 120 -17.20 -9.12 -7.76
CA SER C 120 -18.58 -9.04 -7.28
C SER C 120 -18.66 -8.36 -5.92
N TYR C 121 -17.69 -8.62 -5.04
CA TYR C 121 -17.65 -7.93 -3.75
C TYR C 121 -17.35 -6.44 -3.92
N PHE C 122 -16.49 -6.10 -4.88
CA PHE C 122 -16.16 -4.69 -5.12
C PHE C 122 -17.37 -3.92 -5.63
N VAL C 123 -18.11 -4.49 -6.59
CA VAL C 123 -19.29 -3.80 -7.09
C VAL C 123 -20.42 -3.83 -6.06
N MET C 124 -20.44 -4.85 -5.19
CA MET C 124 -21.43 -4.87 -4.11
C MET C 124 -21.15 -3.80 -3.07
N MET C 125 -19.87 -3.56 -2.76
CA MET C 125 -19.52 -2.47 -1.86
C MET C 125 -19.76 -1.11 -2.51
N GLY C 126 -19.63 -1.02 -3.84
CA GLY C 126 -19.97 0.21 -4.52
C GLY C 126 -21.46 0.53 -4.47
N ILE C 127 -22.30 -0.47 -4.73
CA ILE C 127 -23.74 -0.22 -4.65
C ILE C 127 -24.18 -0.05 -3.20
N LEU C 128 -23.47 -0.66 -2.25
CA LEU C 128 -23.73 -0.43 -0.84
C LEU C 128 -23.38 1.02 -0.45
N THR C 129 -22.28 1.55 -0.99
CA THR C 129 -21.90 2.92 -0.70
C THR C 129 -22.90 3.92 -1.27
N ILE C 130 -23.35 3.71 -2.51
CA ILE C 130 -24.34 4.64 -3.06
C ILE C 130 -25.70 4.42 -2.41
N TYR C 131 -25.98 3.21 -1.91
CA TYR C 131 -27.20 2.94 -1.15
C TYR C 131 -27.21 3.73 0.16
N THR C 132 -26.08 3.72 0.86
CA THR C 132 -25.94 4.48 2.10
C THR C 132 -26.04 5.98 1.82
N SER C 133 -25.37 6.47 0.78
CA SER C 133 -25.38 7.90 0.49
C SER C 133 -26.70 8.37 -0.11
N TYR C 134 -27.57 7.45 -0.54
CA TYR C 134 -28.86 7.87 -1.07
C TYR C 134 -30.04 7.61 -0.12
N LYS C 135 -29.90 6.71 0.86
CA LYS C 135 -31.00 6.46 1.80
C LYS C 135 -30.70 6.79 3.27
N GLU C 136 -29.45 6.74 3.71
CA GLU C 136 -29.17 6.84 5.14
C GLU C 136 -28.32 8.05 5.48
N LYS C 137 -28.72 9.23 4.99
CA LYS C 137 -28.01 10.47 5.27
C LYS C 137 -27.99 10.80 6.76
N SER C 138 -29.16 11.09 7.34
CA SER C 138 -29.25 11.36 8.77
C SER C 138 -30.50 10.84 9.43
N ILE C 139 -31.39 10.15 8.72
CA ILE C 139 -32.65 9.69 9.28
C ILE C 139 -32.38 8.49 10.17
N PHE C 140 -32.78 8.57 11.45
CA PHE C 140 -32.31 7.60 12.41
C PHE C 140 -33.39 6.77 13.10
N LEU C 141 -34.67 7.09 12.97
CA LEU C 141 -35.68 6.33 13.70
C LEU C 141 -37.01 6.38 12.95
N VAL C 142 -37.77 5.30 13.08
CA VAL C 142 -39.12 5.20 12.53
C VAL C 142 -40.02 4.52 13.57
N ALA C 143 -41.21 5.08 13.76
CA ALA C 143 -42.18 4.55 14.71
C ALA C 143 -43.55 4.47 14.07
N HIS C 144 -44.29 3.43 14.46
CA HIS C 144 -45.64 3.19 13.98
C HIS C 144 -46.62 3.28 15.14
N ARG C 145 -47.89 3.43 14.81
CA ARG C 145 -48.95 3.71 15.75
C ARG C 145 -49.59 2.44 16.28
N LYS C 146 -50.57 2.60 17.15
CA LYS C 146 -51.22 1.49 17.84
C LYS C 146 -52.70 1.46 17.46
N ASP C 147 -53.23 0.24 17.28
CA ASP C 147 -54.59 -0.09 16.85
C ASP C 147 -55.03 0.61 15.57
N PRO C 148 -54.54 0.21 14.38
CA PRO C 148 -55.13 0.77 13.15
C PRO C 148 -56.41 0.03 12.75
N THR C 149 -57.46 0.24 13.52
CA THR C 149 -58.71 -0.49 13.35
C THR C 149 -59.48 0.03 12.13
N GLY C 150 -59.34 -0.66 11.00
CA GLY C 150 -60.03 -0.27 9.78
C GLY C 150 -59.34 0.80 8.96
N MET C 151 -58.22 1.34 9.44
CA MET C 151 -57.51 2.40 8.74
C MET C 151 -56.24 1.86 8.08
N ASP C 152 -55.87 2.49 6.97
CA ASP C 152 -54.66 2.09 6.26
C ASP C 152 -53.42 2.51 7.04
N PRO C 153 -52.33 1.72 6.96
CA PRO C 153 -51.11 2.09 7.69
C PRO C 153 -50.37 3.25 7.06
N ASP C 154 -50.85 4.47 7.31
CA ASP C 154 -50.22 5.69 6.81
C ASP C 154 -49.95 6.65 7.96
N ASP C 155 -49.59 7.90 7.61
CA ASP C 155 -49.24 8.97 8.56
C ASP C 155 -48.08 8.55 9.44
N ILE C 156 -46.95 8.25 8.80
CA ILE C 156 -45.77 7.71 9.46
C ILE C 156 -44.63 8.71 9.31
N TRP C 157 -43.89 8.93 10.40
CA TRP C 157 -42.88 9.98 10.46
C TRP C 157 -41.47 9.41 10.47
N GLN C 158 -40.58 10.07 9.74
CA GLN C 158 -39.14 9.90 9.83
C GLN C 158 -38.55 11.12 10.51
N LEU C 159 -37.40 10.94 11.15
CA LEU C 159 -36.76 12.07 11.82
C LEU C 159 -35.24 11.94 11.73
N SER C 160 -34.58 13.10 11.62
CA SER C 160 -33.15 13.20 11.36
C SER C 160 -32.58 14.38 12.13
N SER C 161 -31.31 14.24 12.50
CA SER C 161 -30.57 15.28 13.20
C SER C 161 -29.31 15.60 12.40
N SER C 162 -29.17 16.86 11.99
CA SER C 162 -28.09 17.32 11.15
C SER C 162 -27.14 18.20 11.95
N LEU C 163 -25.85 17.87 11.90
CA LEU C 163 -24.80 18.69 12.50
C LEU C 163 -23.54 18.43 11.68
N LYS C 164 -23.07 19.45 10.96
CA LYS C 164 -21.98 19.28 10.03
C LYS C 164 -20.63 19.31 10.76
N ARG C 165 -19.55 19.39 9.99
CA ARG C 165 -18.19 19.25 10.53
C ARG C 165 -17.81 20.52 11.29
N PHE C 166 -17.87 20.43 12.63
CA PHE C 166 -17.29 21.41 13.57
C PHE C 166 -17.93 22.79 13.41
N ASP C 167 -19.27 22.83 13.48
CA ASP C 167 -20.02 24.07 13.38
C ASP C 167 -21.12 24.10 14.44
N ASP C 168 -21.48 25.30 14.86
CA ASP C 168 -22.49 25.50 15.91
C ASP C 168 -23.83 25.80 15.27
N LYS C 169 -24.39 24.79 14.60
CA LYS C 169 -25.72 24.91 14.00
C LYS C 169 -26.35 23.52 14.01
N TYR C 170 -27.11 23.23 15.06
CA TYR C 170 -27.84 21.98 15.15
C TYR C 170 -29.16 22.10 14.39
N THR C 171 -29.53 21.03 13.71
CA THR C 171 -30.76 21.01 12.92
C THR C 171 -31.53 19.75 13.25
N LEU C 172 -32.82 19.91 13.54
CA LEU C 172 -33.72 18.79 13.79
C LEU C 172 -34.79 18.83 12.70
N LYS C 173 -34.78 17.85 11.81
CA LYS C 173 -35.73 17.78 10.71
C LYS C 173 -36.56 16.51 10.84
N LEU C 174 -37.87 16.67 11.07
CA LEU C 174 -38.74 15.51 11.12
C LEU C 174 -39.88 15.70 10.14
N THR C 175 -40.13 14.70 9.30
CA THR C 175 -41.20 14.76 8.32
C THR C 175 -42.13 13.57 8.53
N PHE C 176 -43.32 13.67 7.96
CA PHE C 176 -44.26 12.56 8.00
C PHE C 176 -45.05 12.48 6.71
N ILE C 177 -45.28 11.24 6.26
CA ILE C 177 -46.18 10.94 5.16
C ILE C 177 -47.59 10.82 5.74
N SER C 178 -48.47 11.74 5.36
CA SER C 178 -49.88 11.65 5.70
C SER C 178 -50.63 11.10 4.50
N GLY C 179 -51.36 10.00 4.70
CA GLY C 179 -52.07 9.30 3.66
C GLY C 179 -53.44 9.82 3.32
N ARG C 180 -53.85 10.96 3.90
CA ARG C 180 -55.12 11.56 3.51
C ARG C 180 -55.05 12.13 2.10
N THR C 181 -53.96 12.84 1.79
CA THR C 181 -53.70 13.32 0.44
C THR C 181 -52.40 12.75 -0.12
N LYS C 182 -51.79 11.80 0.58
CA LYS C 182 -50.50 11.17 0.23
C LYS C 182 -49.41 12.22 0.08
N GLN C 183 -49.20 12.98 1.16
CA GLN C 183 -48.38 14.18 1.11
C GLN C 183 -47.49 14.24 2.34
N GLN C 184 -46.28 14.77 2.19
CA GLN C 184 -45.31 14.84 3.26
C GLN C 184 -45.26 16.25 3.86
N ARG C 185 -45.15 16.31 5.18
CA ARG C 185 -44.97 17.58 5.88
C ARG C 185 -43.73 17.47 6.75
N GLU C 186 -42.89 18.50 6.71
CA GLU C 186 -41.59 18.51 7.38
C GLU C 186 -41.48 19.72 8.28
N ALA C 187 -41.14 19.48 9.54
CA ALA C 187 -40.80 20.52 10.51
C ALA C 187 -39.28 20.56 10.70
N GLU C 188 -38.76 21.78 10.82
CA GLU C 188 -37.32 22.03 10.87
C GLU C 188 -37.01 22.93 12.05
N PHE C 189 -35.89 22.64 12.72
CA PHE C 189 -35.38 23.45 13.81
C PHE C 189 -33.91 23.73 13.54
N THR C 190 -33.55 25.01 13.45
CA THR C 190 -32.16 25.45 13.22
C THR C 190 -31.70 26.23 14.44
N LYS C 191 -31.18 25.51 15.44
CA LYS C 191 -30.91 26.09 16.74
C LYS C 191 -29.54 25.70 17.27
N SER C 192 -29.32 25.96 18.55
CA SER C 192 -28.15 25.50 19.29
C SER C 192 -28.57 25.30 20.75
N ILE C 193 -27.98 24.31 21.40
CA ILE C 193 -28.42 23.92 22.74
C ILE C 193 -27.43 24.28 23.84
N ALA C 194 -26.18 24.62 23.50
CA ALA C 194 -25.09 24.66 24.47
C ALA C 194 -24.91 26.02 25.14
N LYS C 195 -25.98 26.81 25.28
CA LYS C 195 -25.85 28.11 25.92
C LYS C 195 -25.89 28.01 27.44
N PHE C 196 -26.97 27.44 27.98
CA PHE C 196 -27.28 27.63 29.40
C PHE C 196 -26.47 26.71 30.30
N PHE C 197 -26.30 25.45 29.94
CA PHE C 197 -25.68 24.51 30.86
C PHE C 197 -24.16 24.64 30.82
N ASP C 198 -23.49 23.84 31.65
CA ASP C 198 -22.06 23.96 31.87
C ASP C 198 -21.37 22.63 31.63
N HIS C 199 -20.11 22.52 32.08
CA HIS C 199 -19.32 21.31 31.90
C HIS C 199 -19.85 20.11 32.69
N SER C 200 -20.73 20.34 33.67
CA SER C 200 -21.35 19.25 34.39
C SER C 200 -22.34 18.46 33.54
N GLY C 201 -22.81 19.01 32.43
CA GLY C 201 -23.67 18.28 31.51
C GLY C 201 -25.12 18.22 31.94
N THR C 202 -25.77 19.38 32.03
CA THR C 202 -27.19 19.43 32.40
C THR C 202 -28.03 19.34 31.11
N LEU C 203 -28.09 18.12 30.59
CA LEU C 203 -28.87 17.81 29.39
C LEU C 203 -30.24 17.24 29.79
N VAL C 204 -30.99 18.04 30.53
CA VAL C 204 -32.20 17.55 31.18
C VAL C 204 -33.43 17.91 30.35
N MET C 205 -34.52 17.20 30.63
CA MET C 205 -35.82 17.50 30.02
C MET C 205 -36.38 18.83 30.52
N ASP C 206 -36.02 19.22 31.74
CA ASP C 206 -36.52 20.42 32.40
C ASP C 206 -35.94 21.71 31.83
N ALA C 207 -35.02 21.63 30.86
CA ALA C 207 -34.59 22.79 30.11
C ALA C 207 -34.92 22.69 28.63
N TYR C 208 -35.42 21.54 28.16
CA TYR C 208 -35.68 21.30 26.75
C TYR C 208 -37.15 21.01 26.44
N GLU C 209 -38.02 21.08 27.45
CA GLU C 209 -39.45 20.83 27.25
C GLU C 209 -40.27 21.76 26.32
N PRO C 210 -39.91 23.04 26.02
CA PRO C 210 -40.77 23.80 25.08
C PRO C 210 -40.73 23.28 23.65
N GLU C 211 -39.63 22.66 23.22
CA GLU C 211 -39.59 22.05 21.89
C GLU C 211 -40.54 20.86 21.80
N ILE C 212 -40.60 20.04 22.85
CA ILE C 212 -41.55 18.92 22.89
C ILE C 212 -42.98 19.44 23.04
N SER C 213 -43.17 20.58 23.71
CA SER C 213 -44.50 21.19 23.78
C SER C 213 -44.97 21.65 22.42
N ARG C 214 -44.06 22.28 21.64
CA ARG C 214 -44.37 22.67 20.27
C ARG C 214 -44.66 21.43 19.42
N LEU C 215 -43.95 20.33 19.66
CA LEU C 215 -44.18 19.10 18.91
C LEU C 215 -45.56 18.51 19.19
N HIS C 216 -45.96 18.41 20.47
CA HIS C 216 -47.24 17.75 20.70
C HIS C 216 -48.43 18.66 20.40
N ASP C 217 -48.33 19.99 20.59
CA ASP C 217 -49.49 20.76 20.18
C ASP C 217 -49.53 21.00 18.67
N SER C 218 -48.39 20.92 17.97
CA SER C 218 -48.42 20.88 16.52
C SER C 218 -49.04 19.58 16.02
N LEU C 219 -48.75 18.46 16.69
CA LEU C 219 -49.39 17.19 16.37
C LEU C 219 -50.89 17.25 16.65
N ALA C 220 -51.28 17.96 17.71
CA ALA C 220 -52.70 18.11 18.02
C ALA C 220 -53.43 18.94 16.97
N ILE C 221 -52.84 20.07 16.56
CA ILE C 221 -53.49 20.91 15.54
C ILE C 221 -53.37 20.36 14.13
N GLU C 222 -52.48 19.37 13.90
CA GLU C 222 -52.43 18.71 12.62
C GLU C 222 -53.26 17.43 12.54
N ARG C 223 -53.57 16.81 13.68
CA ARG C 223 -54.42 15.63 13.68
C ARG C 223 -55.85 15.90 14.12
N LYS C 224 -56.14 17.13 14.56
CA LYS C 224 -57.50 17.64 14.82
C LYS C 224 -58.25 16.83 15.89
N PRO D 67 -31.97 10.68 34.27
CA PRO D 67 -31.61 11.38 35.50
C PRO D 67 -30.14 11.79 35.54
N ALA D 68 -29.47 11.49 36.65
CA ALA D 68 -28.05 11.80 36.82
C ALA D 68 -27.17 10.57 36.68
N MET D 69 -27.74 9.44 36.29
CA MET D 69 -26.99 8.19 36.14
C MET D 69 -26.40 8.02 34.74
N LEU D 70 -26.57 8.99 33.86
CA LEU D 70 -26.06 8.90 32.50
C LEU D 70 -25.28 10.13 32.07
N GLU D 71 -25.14 11.15 32.93
CA GLU D 71 -24.38 12.35 32.63
C GLU D 71 -22.92 12.25 33.07
N HIS D 72 -22.43 11.03 33.33
CA HIS D 72 -21.09 10.87 33.88
C HIS D 72 -20.02 10.97 32.79
N LEU D 73 -20.08 10.07 31.80
CA LEU D 73 -19.02 9.97 30.80
C LEU D 73 -19.32 10.74 29.52
N SER D 74 -20.58 11.02 29.22
CA SER D 74 -20.97 11.74 28.00
C SER D 74 -21.13 13.23 28.23
N SER D 75 -20.40 13.80 29.19
CA SER D 75 -20.55 15.20 29.55
C SER D 75 -19.40 16.07 29.04
N LEU D 76 -18.70 15.66 27.99
CA LEU D 76 -17.59 16.44 27.45
C LEU D 76 -17.79 16.66 25.95
N PRO D 77 -18.52 17.72 25.55
CA PRO D 77 -18.36 18.25 24.20
C PRO D 77 -17.23 19.26 24.14
N THR D 78 -17.06 19.92 22.99
CA THR D 78 -16.07 20.97 22.85
C THR D 78 -16.67 22.28 23.36
N GLN D 79 -16.19 22.76 24.51
CA GLN D 79 -16.59 24.06 25.02
C GLN D 79 -15.65 25.17 24.55
N MET D 80 -15.38 25.21 23.25
CA MET D 80 -14.42 26.17 22.72
C MET D 80 -14.98 26.90 21.50
N ASP D 81 -14.12 27.65 20.83
CA ASP D 81 -14.47 28.36 19.61
C ASP D 81 -14.62 27.38 18.45
N TYR D 82 -15.19 27.86 17.34
CA TYR D 82 -15.24 27.08 16.11
C TYR D 82 -14.43 27.72 14.99
N LYS D 83 -14.74 28.97 14.62
CA LYS D 83 -14.08 29.62 13.49
C LYS D 83 -12.63 29.96 13.77
N GLY D 84 -12.27 30.14 15.04
CA GLY D 84 -10.86 30.32 15.38
C GLY D 84 -10.03 29.09 15.08
N GLN D 85 -10.56 27.91 15.41
CA GLN D 85 -9.89 26.67 15.03
C GLN D 85 -9.99 26.40 13.54
N LYS D 86 -11.04 26.92 12.87
CA LYS D 86 -11.10 26.84 11.41
C LYS D 86 -9.94 27.59 10.77
N LEU D 87 -9.73 28.85 11.17
CA LEU D 87 -8.61 29.62 10.65
C LEU D 87 -7.26 29.06 11.11
N ALA D 88 -7.22 28.47 12.30
CA ALA D 88 -5.99 27.86 12.80
C ALA D 88 -5.60 26.66 11.96
N GLU D 89 -6.55 25.76 11.67
CA GLU D 89 -6.27 24.61 10.82
C GLU D 89 -5.98 25.03 9.38
N GLN D 90 -6.58 26.15 8.93
CA GLN D 90 -6.19 26.73 7.65
C GLN D 90 -4.73 27.15 7.65
N MET D 91 -4.27 27.74 8.76
CA MET D 91 -2.85 28.10 8.87
C MET D 91 -1.95 26.88 8.96
N PHE D 92 -2.41 25.80 9.62
CA PHE D 92 -1.63 24.57 9.71
C PHE D 92 -1.44 23.94 8.34
N GLN D 93 -2.55 23.77 7.58
CA GLN D 93 -2.44 23.23 6.24
C GLN D 93 -1.67 24.17 5.31
N GLY D 94 -1.75 25.48 5.53
CA GLY D 94 -0.99 26.42 4.73
C GLY D 94 0.52 26.32 4.96
N ILE D 95 0.95 26.21 6.22
CA ILE D 95 2.38 26.10 6.46
C ILE D 95 2.89 24.72 6.07
N ILE D 96 2.05 23.69 6.14
CA ILE D 96 2.45 22.36 5.67
C ILE D 96 2.64 22.37 4.15
N LEU D 97 1.69 22.96 3.41
CA LEU D 97 1.84 23.02 1.95
C LEU D 97 2.98 23.93 1.53
N PHE D 98 3.23 25.00 2.30
CA PHE D 98 4.35 25.90 2.00
C PHE D 98 5.69 25.20 2.21
N SER D 99 5.83 24.47 3.32
CA SER D 99 7.05 23.70 3.57
C SER D 99 7.22 22.60 2.52
N ALA D 100 6.12 21.99 2.08
CA ALA D 100 6.20 20.96 1.05
C ALA D 100 6.65 21.52 -0.30
N ILE D 101 6.11 22.68 -0.69
CA ILE D 101 6.45 23.21 -2.01
C ILE D 101 7.87 23.76 -2.02
N VAL D 102 8.31 24.39 -0.91
CA VAL D 102 9.71 24.82 -0.89
C VAL D 102 10.63 23.62 -0.77
N GLY D 103 10.14 22.51 -0.19
CA GLY D 103 10.93 21.29 -0.14
C GLY D 103 11.19 20.69 -1.51
N PHE D 104 10.14 20.54 -2.33
CA PHE D 104 10.45 19.92 -3.62
C PHE D 104 11.04 20.91 -4.63
N ILE D 105 10.83 22.23 -4.48
CA ILE D 105 11.56 23.10 -5.41
C ILE D 105 13.02 23.23 -5.00
N TYR D 106 13.35 23.14 -3.70
CA TYR D 106 14.75 23.14 -3.33
C TYR D 106 15.40 21.80 -3.60
N GLY D 107 14.62 20.72 -3.64
CA GLY D 107 15.14 19.46 -4.13
C GLY D 107 15.38 19.46 -5.62
N TYR D 108 14.55 20.20 -6.38
CA TYR D 108 14.79 20.35 -7.81
C TYR D 108 15.98 21.25 -8.11
N VAL D 109 16.24 22.25 -7.27
CA VAL D 109 17.38 23.14 -7.49
C VAL D 109 18.67 22.50 -7.00
N ALA D 110 18.72 22.12 -5.72
CA ALA D 110 19.95 21.64 -5.12
C ALA D 110 20.32 20.21 -5.53
N GLU D 111 19.35 19.47 -6.10
CA GLU D 111 19.57 18.20 -6.79
C GLU D 111 20.13 17.10 -5.88
N GLN D 112 19.63 17.02 -4.64
CA GLN D 112 19.77 15.81 -3.84
C GLN D 112 18.64 15.76 -2.82
N PHE D 113 18.32 14.54 -2.39
CA PHE D 113 17.08 14.22 -1.67
C PHE D 113 17.15 14.52 -0.18
N GLY D 114 18.35 14.62 0.40
CA GLY D 114 18.47 14.87 1.82
C GLY D 114 18.01 16.23 2.26
N TRP D 115 18.11 17.23 1.36
CA TRP D 115 17.55 18.54 1.66
C TRP D 115 16.02 18.49 1.75
N THR D 116 15.39 17.71 0.87
CA THR D 116 13.95 17.53 0.92
C THR D 116 13.54 16.80 2.20
N VAL D 117 14.33 15.80 2.61
CA VAL D 117 14.08 15.10 3.88
C VAL D 117 14.19 16.06 5.05
N TYR D 118 15.21 16.91 5.05
CA TYR D 118 15.40 17.86 6.15
C TYR D 118 14.29 18.90 6.20
N ILE D 119 13.81 19.36 5.03
CA ILE D 119 12.73 20.35 5.02
C ILE D 119 11.42 19.73 5.49
N VAL D 120 11.14 18.48 5.09
CA VAL D 120 9.92 17.80 5.52
C VAL D 120 9.95 17.53 7.03
N MET D 121 11.11 17.09 7.55
CA MET D 121 11.22 16.85 8.99
C MET D 121 11.16 18.15 9.79
N ALA D 122 11.72 19.24 9.24
CA ALA D 122 11.63 20.53 9.92
C ALA D 122 10.21 21.07 9.91
N GLY D 123 9.47 20.83 8.82
CA GLY D 123 8.07 21.22 8.79
C GLY D 123 7.21 20.41 9.75
N PHE D 124 7.52 19.12 9.90
CA PHE D 124 6.81 18.30 10.87
C PHE D 124 7.14 18.73 12.30
N ALA D 125 8.40 19.10 12.56
CA ALA D 125 8.78 19.58 13.88
C ALA D 125 8.14 20.93 14.19
N PHE D 126 8.01 21.80 13.18
CA PHE D 126 7.33 23.08 13.37
C PHE D 126 5.84 22.89 13.59
N SER D 127 5.23 21.91 12.91
CA SER D 127 3.82 21.60 13.14
C SER D 127 3.61 21.04 14.55
N CYS D 128 4.57 20.25 15.05
CA CYS D 128 4.46 19.75 16.42
C CYS D 128 4.64 20.88 17.43
N LEU D 129 5.58 21.79 17.18
CA LEU D 129 5.81 22.92 18.09
C LEU D 129 4.69 23.96 18.04
N LEU D 130 3.89 23.98 16.98
CA LEU D 130 2.70 24.81 16.94
C LEU D 130 1.43 24.07 17.32
N THR D 131 1.48 22.74 17.43
CA THR D 131 0.33 21.92 17.82
C THR D 131 0.28 21.65 19.31
N LEU D 132 1.42 21.25 19.89
CA LEU D 132 1.49 20.89 21.33
C LEU D 132 1.11 22.05 22.28
N PRO D 133 1.46 23.33 22.04
CA PRO D 133 1.16 24.40 23.01
C PRO D 133 -0.34 24.49 23.31
N PRO D 134 -0.74 24.77 24.57
CA PRO D 134 -2.16 24.81 24.95
C PRO D 134 -2.96 25.88 24.19
N TRP D 135 -2.31 26.97 23.77
CA TRP D 135 -3.03 28.23 23.44
C TRP D 135 -3.88 28.64 24.65
N PRO D 136 -3.27 29.00 25.81
CA PRO D 136 -4.01 29.28 27.03
C PRO D 136 -5.02 30.42 26.84
N ILE D 137 -4.66 31.44 26.05
CA ILE D 137 -5.55 32.60 25.82
C ILE D 137 -6.84 32.10 25.17
N TYR D 138 -6.75 31.18 24.20
CA TYR D 138 -7.96 30.59 23.58
C TYR D 138 -8.75 29.81 24.63
N ARG D 139 -8.07 29.03 25.46
CA ARG D 139 -8.75 28.27 26.55
C ARG D 139 -9.37 29.26 27.55
N ARG D 140 -8.65 30.34 27.87
CA ARG D 140 -9.14 31.36 28.82
C ARG D 140 -10.38 32.04 28.22
N HIS D 141 -10.38 32.30 26.91
CA HIS D 141 -11.52 33.01 26.27
C HIS D 141 -12.04 32.24 25.06
N PRO D 142 -12.77 31.12 25.23
CA PRO D 142 -13.39 30.41 24.10
C PRO D 142 -14.50 31.33 23.56
N LEU D 143 -15.06 32.16 24.44
CA LEU D 143 -16.19 33.05 24.06
C LEU D 143 -15.66 34.39 23.55
N LYS D 144 -14.35 34.50 23.32
CA LYS D 144 -13.80 35.75 22.72
C LYS D 144 -14.42 35.94 21.34
N TRP D 145 -14.57 34.84 20.58
CA TRP D 145 -15.22 34.92 19.23
C TRP D 145 -16.60 34.26 19.32
N LEU D 146 -16.70 33.07 19.91
CA LEU D 146 -17.99 32.44 20.12
C LEU D 146 -18.86 33.37 20.98
N PRO D 147 -20.18 33.35 20.78
CA PRO D 147 -21.07 34.05 21.72
C PRO D 147 -20.99 33.44 23.11
N VAL D 148 -21.20 34.30 24.11
CA VAL D 148 -20.93 33.93 25.50
C VAL D 148 -22.00 33.00 26.02
N GLN D 149 -21.59 31.81 26.48
CA GLN D 149 -22.52 30.85 27.06
C GLN D 149 -22.96 31.32 28.44
N GLU D 150 -24.09 30.77 28.89
CA GLU D 150 -24.63 31.08 30.19
C GLU D 150 -24.23 30.02 31.20
N SER D 151 -24.44 30.33 32.48
CA SER D 151 -24.08 29.44 33.58
C SER D 151 -25.32 28.71 34.08
N SER D 152 -25.15 27.43 34.38
CA SER D 152 -26.25 26.61 34.89
C SER D 152 -26.51 26.90 36.37
#